data_7EFQ
#
_entry.id   7EFQ
#
_cell.length_a   93.330
_cell.length_b   61.900
_cell.length_c   119.370
_cell.angle_alpha   90.000
_cell.angle_beta   102.290
_cell.angle_gamma   90.000
#
_symmetry.space_group_name_H-M   'C 1 2 1'
#
loop_
_entity.id
_entity.type
_entity.pdbx_description
1 polymer 'Peroxisome proliferator-activated receptor gamma'
2 non-polymer (5S)-5-[[4-[2-[[7-(diethylamino)-2-oxidanylidene-chromen-4-yl]-methyl-amino]ethoxy]phenyl]methyl]-1,3-thiazolidine-2,4-dione
3 water water
#
_entity_poly.entity_id   1
_entity_poly.type   'polypeptide(L)'
_entity_poly.pdbx_seq_one_letter_code
;GALNPESADLRALAKHLYDSYIKSFPLTKAKARAILTGKTTDKSPFVIYDMNSLMMGEDKIKFKHITPLQEQSKEVAIRI
FQGCQFRSVEAVQEITEYAKSIPGFVNLDLNDQVTLLKYGVHEIIYTMLASLMNKDGVLISEGQGFMTREFLKSLRKPFG
DFMEPKFEFAVKFNALELDDSDLAIFIAVIILSGDRPGLLNVKPIEDIQDNLLQALELQLKLNHPESSQLFAKLLQKMTD
LRQIVTEHVQLLQVIKKTETDMSLHPLLQEIYKDLY
;
_entity_poly.pdbx_strand_id   A,B
#
loop_
_chem_comp.id
_chem_comp.type
_chem_comp.name
_chem_comp.formula
J3F non-polymer (5S)-5-[[4-[2-[[7-(diethylamino)-2-oxidanylidene-chromen-4-yl]-methyl-amino]ethoxy]phenyl]methyl]-1,3-thiazolidine-2,4-dione 'C26 H29 N3 O5 S'
#
# COMPACT_ATOMS: atom_id res chain seq x y z
N GLU A 6 27.31 -8.09 5.77
CA GLU A 6 28.02 -9.12 4.95
C GLU A 6 27.01 -9.90 4.08
N SER A 7 27.27 -9.92 2.79
CA SER A 7 26.49 -10.69 1.81
C SER A 7 26.48 -12.18 2.19
N ALA A 8 27.57 -12.71 2.73
CA ALA A 8 27.60 -14.12 3.20
C ALA A 8 26.46 -14.41 4.20
N ASP A 9 26.23 -13.54 5.20
CA ASP A 9 25.11 -13.77 6.15
C ASP A 9 23.75 -13.73 5.40
N LEU A 10 23.60 -12.82 4.45
CA LEU A 10 22.30 -12.58 3.75
C LEU A 10 22.03 -13.76 2.80
N ARG A 11 23.03 -14.22 2.06
CA ARG A 11 22.95 -15.46 1.24
C ARG A 11 22.58 -16.64 2.16
N ALA A 12 23.26 -16.84 3.26
CA ALA A 12 22.90 -17.93 4.19
C ALA A 12 21.39 -17.85 4.53
N LEU A 13 20.89 -16.66 4.91
CA LEU A 13 19.49 -16.47 5.39
C LEU A 13 18.49 -16.77 4.26
N ALA A 14 18.86 -16.41 3.02
CA ALA A 14 18.07 -16.61 1.78
C ALA A 14 17.96 -18.12 1.50
N LYS A 15 19.06 -18.84 1.64
CA LYS A 15 19.06 -20.32 1.52
C LYS A 15 18.29 -20.94 2.68
N HIS A 16 18.58 -20.60 3.93
CA HIS A 16 17.75 -21.04 5.07
C HIS A 16 16.26 -20.90 4.69
N LEU A 17 15.83 -19.71 4.28
CA LEU A 17 14.39 -19.43 4.08
C LEU A 17 13.87 -20.28 2.88
N TYR A 18 14.68 -20.44 1.83
CA TYR A 18 14.29 -21.16 0.58
C TYR A 18 14.09 -22.65 0.91
N ASP A 19 15.00 -23.22 1.71
CA ASP A 19 14.95 -24.63 2.21
C ASP A 19 13.67 -24.84 3.05
N SER A 20 13.24 -23.91 3.92
CA SER A 20 12.03 -24.08 4.81
C SER A 20 10.81 -23.96 3.93
N TYR A 21 10.83 -22.98 3.05
CA TYR A 21 9.73 -22.73 2.08
C TYR A 21 9.39 -24.06 1.39
N ILE A 22 10.37 -24.74 0.84
CA ILE A 22 10.22 -26.00 0.09
C ILE A 22 9.70 -27.10 1.02
N LYS A 23 10.21 -27.15 2.25
CA LYS A 23 9.71 -28.11 3.28
C LYS A 23 8.24 -27.78 3.62
N SER A 24 7.82 -26.53 3.58
CA SER A 24 6.53 -26.10 4.18
C SER A 24 5.40 -26.10 3.12
N PHE A 25 5.68 -25.81 1.86
CA PHE A 25 4.65 -25.63 0.78
C PHE A 25 4.81 -26.74 -0.25
N PRO A 26 3.98 -27.80 -0.24
CA PRO A 26 4.16 -28.90 -1.19
C PRO A 26 4.11 -28.53 -2.69
N LEU A 27 3.28 -27.57 -3.06
CA LEU A 27 3.11 -27.13 -4.45
C LEU A 27 3.81 -25.78 -4.66
N THR A 28 5.01 -25.79 -5.19
CA THR A 28 5.85 -24.62 -5.44
C THR A 28 5.37 -23.91 -6.70
N LYS A 29 5.75 -22.64 -6.85
CA LYS A 29 5.64 -21.95 -8.16
C LYS A 29 6.32 -22.72 -9.31
N ALA A 30 7.55 -23.27 -9.20
CA ALA A 30 8.22 -24.00 -10.33
C ALA A 30 7.35 -25.21 -10.83
N LYS A 31 6.74 -25.95 -9.90
CA LYS A 31 5.87 -27.12 -10.20
C LYS A 31 4.57 -26.63 -10.89
N ALA A 32 3.95 -25.59 -10.35
CA ALA A 32 2.71 -24.99 -10.84
C ALA A 32 2.89 -24.51 -12.28
N ARG A 33 4.03 -23.88 -12.62
CA ARG A 33 4.38 -23.42 -13.99
C ARG A 33 4.63 -24.61 -14.95
N ALA A 34 5.25 -25.65 -14.48
CA ALA A 34 5.44 -26.83 -15.35
C ALA A 34 4.03 -27.37 -15.68
N ILE A 35 3.10 -27.42 -14.74
CA ILE A 35 1.72 -27.94 -15.01
C ILE A 35 0.99 -27.03 -16.03
N LEU A 36 1.06 -25.71 -15.82
CA LEU A 36 0.35 -24.70 -16.65
C LEU A 36 0.86 -24.67 -18.10
N THR A 37 2.16 -24.69 -18.35
CA THR A 37 2.72 -24.48 -19.70
C THR A 37 2.59 -25.73 -20.57
N GLY A 38 2.55 -26.95 -19.99
CA GLY A 38 1.92 -28.14 -20.61
C GLY A 38 2.79 -28.80 -21.67
N THR A 40 4.82 -31.71 -21.22
CA THR A 40 4.84 -32.95 -20.37
C THR A 40 3.47 -33.65 -20.51
N THR A 41 3.48 -34.99 -20.55
CA THR A 41 2.39 -35.98 -20.33
C THR A 41 1.95 -36.16 -18.86
N ASP A 42 2.88 -36.21 -17.91
CA ASP A 42 2.69 -36.86 -16.58
C ASP A 42 1.97 -35.93 -15.58
N LYS A 43 1.76 -34.66 -15.90
CA LYS A 43 1.23 -33.67 -14.92
C LYS A 43 0.11 -32.82 -15.53
N SER A 44 -0.50 -33.25 -16.64
CA SER A 44 -1.68 -32.60 -17.27
C SER A 44 -2.82 -32.57 -16.26
N PRO A 45 -3.39 -31.38 -15.93
CA PRO A 45 -4.61 -31.28 -15.13
C PRO A 45 -5.92 -31.42 -15.89
N PHE A 46 -7.00 -31.78 -15.18
CA PHE A 46 -8.37 -31.86 -15.72
C PHE A 46 -8.97 -30.44 -15.66
N VAL A 47 -9.66 -30.01 -16.71
CA VAL A 47 -10.03 -28.58 -16.85
C VAL A 47 -11.55 -28.47 -16.66
N ILE A 48 -11.93 -27.64 -15.68
CA ILE A 48 -13.33 -27.28 -15.35
C ILE A 48 -13.59 -25.92 -15.97
N TYR A 49 -14.45 -25.89 -16.99
CA TYR A 49 -14.79 -24.66 -17.75
C TYR A 49 -16.33 -24.41 -17.85
N ASP A 50 -17.11 -25.35 -17.29
CA ASP A 50 -18.61 -25.30 -17.27
C ASP A 50 -19.14 -26.39 -16.35
N MET A 51 -20.46 -26.33 -16.09
CA MET A 51 -21.18 -27.14 -15.07
C MET A 51 -21.09 -28.63 -15.45
N ASN A 52 -21.10 -28.92 -16.75
CA ASN A 52 -20.91 -30.30 -17.22
C ASN A 52 -19.56 -30.77 -16.67
N SER A 53 -18.49 -30.12 -17.14
CA SER A 53 -17.09 -30.50 -16.87
C SER A 53 -16.84 -30.47 -15.35
N LEU A 54 -17.55 -29.61 -14.61
CA LEU A 54 -17.44 -29.60 -13.13
C LEU A 54 -17.90 -30.97 -12.59
N MET A 55 -19.12 -31.38 -12.90
CA MET A 55 -19.64 -32.72 -12.48
C MET A 55 -18.59 -33.81 -12.81
N MET A 56 -18.08 -33.87 -14.05
CA MET A 56 -17.03 -34.84 -14.50
C MET A 56 -15.77 -34.74 -13.61
N GLY A 57 -15.28 -33.53 -13.35
CA GLY A 57 -14.02 -33.31 -12.60
C GLY A 57 -14.16 -33.77 -11.17
N GLU A 58 -15.29 -33.43 -10.54
CA GLU A 58 -15.68 -33.85 -9.17
C GLU A 58 -15.56 -35.38 -9.06
N ASP A 59 -15.54 -36.09 -10.19
CA ASP A 59 -15.38 -37.58 -10.23
C ASP A 59 -13.90 -37.97 -10.40
N LYS A 60 -13.10 -37.27 -11.24
CA LYS A 60 -11.72 -37.69 -11.62
C LYS A 60 -10.69 -37.13 -10.62
N ILE A 61 -10.97 -36.00 -9.96
CA ILE A 61 -10.05 -35.28 -9.02
C ILE A 61 -10.30 -35.77 -7.58
N LYS A 62 -11.49 -35.45 -7.03
CA LYS A 62 -11.84 -35.62 -5.59
C LYS A 62 -10.84 -34.85 -4.68
N LYS A 74 -26.65 -28.93 -1.87
CA LYS A 74 -25.43 -28.12 -2.13
C LYS A 74 -25.59 -27.54 -3.53
N GLU A 75 -25.16 -26.31 -3.74
CA GLU A 75 -25.12 -25.70 -5.07
C GLU A 75 -23.66 -25.35 -5.34
N VAL A 76 -23.30 -25.27 -6.63
CA VAL A 76 -21.89 -25.21 -7.10
C VAL A 76 -21.21 -23.97 -6.52
N ALA A 77 -21.84 -22.81 -6.52
CA ALA A 77 -21.19 -21.57 -6.03
C ALA A 77 -20.72 -21.80 -4.59
N ILE A 78 -21.55 -22.43 -3.77
CA ILE A 78 -21.32 -22.66 -2.31
C ILE A 78 -20.22 -23.71 -2.18
N ARG A 79 -20.29 -24.76 -3.00
CA ARG A 79 -19.33 -25.90 -2.94
C ARG A 79 -17.95 -25.34 -3.25
N ILE A 80 -17.87 -24.43 -4.21
CA ILE A 80 -16.55 -23.87 -4.59
C ILE A 80 -16.02 -23.02 -3.45
N PHE A 81 -16.90 -22.17 -2.91
CA PHE A 81 -16.52 -21.15 -1.91
C PHE A 81 -16.01 -21.87 -0.67
N GLN A 82 -16.75 -22.89 -0.23
CA GLN A 82 -16.37 -23.79 0.87
C GLN A 82 -15.01 -24.42 0.52
N GLY A 83 -14.83 -24.89 -0.73
CA GLY A 83 -13.54 -25.45 -1.17
C GLY A 83 -12.40 -24.47 -0.97
N CYS A 84 -12.53 -23.23 -1.48
CA CYS A 84 -11.50 -22.16 -1.23
C CYS A 84 -11.19 -21.99 0.24
N GLN A 85 -12.22 -22.04 1.10
CA GLN A 85 -12.10 -21.94 2.58
C GLN A 85 -11.27 -23.07 3.14
N PHE A 86 -11.60 -24.35 2.87
CA PHE A 86 -10.84 -25.54 3.36
C PHE A 86 -9.41 -25.36 2.87
N ARG A 87 -9.24 -24.83 1.64
CA ARG A 87 -7.89 -24.65 1.04
C ARG A 87 -7.14 -23.51 1.79
N SER A 88 -7.83 -22.44 2.24
CA SER A 88 -7.14 -21.38 3.02
C SER A 88 -6.68 -21.96 4.36
N VAL A 89 -7.49 -22.83 4.92
CA VAL A 89 -7.27 -23.40 6.28
C VAL A 89 -6.00 -24.26 6.26
N GLU A 90 -5.90 -25.16 5.29
CA GLU A 90 -4.65 -25.90 4.94
C GLU A 90 -3.49 -24.92 4.73
N ALA A 91 -3.68 -23.81 4.03
CA ALA A 91 -2.57 -22.90 3.67
C ALA A 91 -2.08 -22.18 4.91
N VAL A 92 -3.01 -21.83 5.80
CA VAL A 92 -2.72 -21.21 7.12
C VAL A 92 -1.78 -22.14 7.88
N GLN A 93 -2.02 -23.47 7.81
CA GLN A 93 -1.20 -24.45 8.55
C GLN A 93 0.21 -24.44 7.95
N GLU A 94 0.37 -24.34 6.64
CA GLU A 94 1.70 -24.37 5.98
C GLU A 94 2.42 -23.04 6.30
N ILE A 95 1.73 -21.91 6.16
CA ILE A 95 2.25 -20.54 6.47
C ILE A 95 2.69 -20.49 7.94
N THR A 96 1.87 -21.02 8.82
CA THR A 96 2.27 -21.11 10.26
C THR A 96 3.60 -21.89 10.40
N GLU A 97 3.73 -23.05 9.75
CA GLU A 97 4.96 -23.89 9.90
C GLU A 97 6.15 -23.06 9.40
N TYR A 98 5.96 -22.40 8.26
CA TYR A 98 7.02 -21.61 7.58
C TYR A 98 7.42 -20.46 8.49
N ALA A 99 6.45 -19.74 9.04
CA ALA A 99 6.67 -18.63 10.00
C ALA A 99 7.63 -19.07 11.12
N LYS A 100 7.42 -20.26 11.69
CA LYS A 100 8.26 -20.74 12.84
C LYS A 100 9.73 -20.87 12.44
N SER A 101 10.00 -21.10 11.15
CA SER A 101 11.36 -21.29 10.60
C SER A 101 12.04 -19.91 10.43
N ILE A 102 11.35 -18.79 10.65
CA ILE A 102 11.98 -17.48 10.35
C ILE A 102 12.80 -17.09 11.57
N PRO A 103 14.13 -16.98 11.44
CA PRO A 103 14.92 -16.71 12.63
C PRO A 103 14.33 -15.55 13.43
N GLY A 104 14.13 -15.81 14.73
CA GLY A 104 13.55 -14.85 15.68
C GLY A 104 12.04 -14.98 15.81
N PHE A 105 11.30 -15.48 14.82
CA PHE A 105 9.84 -15.38 15.01
C PHE A 105 9.42 -15.93 16.42
N VAL A 106 9.87 -17.13 16.75
CA VAL A 106 9.21 -17.94 17.80
C VAL A 106 9.62 -17.37 19.16
N ASN A 107 10.65 -16.52 19.17
CA ASN A 107 11.19 -15.84 20.36
C ASN A 107 10.40 -14.57 20.68
N LEU A 108 9.57 -14.07 19.76
CA LEU A 108 8.76 -12.87 20.04
C LEU A 108 7.69 -13.26 21.05
N ASP A 109 7.17 -12.26 21.73
CA ASP A 109 5.95 -12.35 22.56
C ASP A 109 4.89 -13.13 21.78
N LEU A 110 4.22 -14.04 22.47
CA LEU A 110 3.28 -15.00 21.87
C LEU A 110 2.09 -14.25 21.28
N ASN A 111 1.60 -13.22 21.98
CA ASN A 111 0.50 -12.38 21.48
C ASN A 111 0.86 -11.76 20.11
N ASP A 112 2.13 -11.47 19.87
CA ASP A 112 2.60 -10.79 18.65
C ASP A 112 2.73 -11.83 17.55
N GLN A 113 3.19 -13.04 17.86
CA GLN A 113 3.19 -14.18 16.93
C GLN A 113 1.76 -14.30 16.41
N VAL A 114 0.79 -14.39 17.30
CA VAL A 114 -0.62 -14.51 16.88
C VAL A 114 -0.94 -13.34 15.95
N THR A 115 -0.69 -12.10 16.39
CA THR A 115 -1.05 -10.89 15.61
C THR A 115 -0.34 -10.82 14.25
N LEU A 116 0.90 -11.30 14.15
CA LEU A 116 1.62 -11.35 12.84
C LEU A 116 1.00 -12.39 11.91
N LEU A 117 0.52 -13.50 12.44
CA LEU A 117 -0.09 -14.54 11.59
C LEU A 117 -1.47 -14.08 11.18
N LYS A 118 -2.21 -13.52 12.12
CA LYS A 118 -3.59 -13.03 11.89
C LYS A 118 -3.62 -12.11 10.66
N TYR A 119 -2.73 -11.10 10.57
CA TYR A 119 -2.74 -10.08 9.48
C TYR A 119 -1.97 -10.56 8.25
N GLY A 120 -0.94 -11.41 8.41
CA GLY A 120 -0.02 -11.78 7.30
C GLY A 120 -0.59 -12.87 6.37
N VAL A 121 -1.44 -13.70 6.93
CA VAL A 121 -1.79 -15.02 6.35
C VAL A 121 -2.51 -14.77 5.02
N HIS A 122 -3.46 -13.88 4.95
CA HIS A 122 -4.23 -13.64 3.72
C HIS A 122 -3.32 -12.93 2.73
N GLU A 123 -2.43 -12.06 3.16
CA GLU A 123 -1.53 -11.38 2.19
C GLU A 123 -0.64 -12.46 1.54
N ILE A 124 -0.29 -13.52 2.28
CA ILE A 124 0.57 -14.63 1.80
C ILE A 124 -0.27 -15.55 0.92
N ILE A 125 -1.52 -15.78 1.28
CA ILE A 125 -2.38 -16.72 0.51
C ILE A 125 -2.54 -16.14 -0.91
N TYR A 126 -2.87 -14.87 -1.06
CA TYR A 126 -3.06 -14.28 -2.40
C TYR A 126 -1.70 -14.17 -3.11
N THR A 127 -0.58 -13.90 -2.42
CA THR A 127 0.75 -13.89 -3.07
C THR A 127 0.97 -15.26 -3.74
N MET A 128 0.78 -16.33 -2.97
CA MET A 128 1.15 -17.71 -3.38
C MET A 128 0.07 -18.27 -4.33
N LEU A 129 -1.16 -17.79 -4.26
CA LEU A 129 -2.23 -18.22 -5.18
C LEU A 129 -1.91 -17.72 -6.59
N ALA A 130 -1.30 -16.55 -6.75
CA ALA A 130 -0.80 -16.01 -8.05
C ALA A 130 0.11 -17.03 -8.72
N SER A 131 0.92 -17.74 -7.95
CA SER A 131 1.84 -18.80 -8.45
C SER A 131 1.06 -19.85 -9.24
N LEU A 132 -0.19 -20.10 -8.85
CA LEU A 132 -1.05 -21.15 -9.43
C LEU A 132 -1.94 -20.57 -10.56
N MET A 133 -1.79 -19.30 -10.91
CA MET A 133 -2.75 -18.59 -11.79
C MET A 133 -2.06 -18.17 -13.10
N ASN A 134 -2.84 -18.08 -14.17
CA ASN A 134 -2.43 -17.30 -15.36
C ASN A 134 -3.69 -16.58 -15.75
N LYS A 135 -3.73 -15.93 -16.91
CA LYS A 135 -4.79 -14.94 -17.23
C LYS A 135 -6.14 -15.66 -17.60
N ASP A 136 -6.03 -17.02 -17.74
CA ASP A 136 -7.17 -17.91 -18.07
C ASP A 136 -7.74 -18.67 -16.85
N GLY A 137 -6.99 -18.94 -15.76
CA GLY A 137 -7.57 -19.75 -14.67
C GLY A 137 -6.60 -20.09 -13.56
N VAL A 138 -6.95 -21.08 -12.72
CA VAL A 138 -6.25 -21.39 -11.45
C VAL A 138 -6.08 -22.91 -11.34
N LEU A 139 -4.89 -23.39 -10.98
CA LEU A 139 -4.64 -24.76 -10.46
C LEU A 139 -5.40 -24.95 -9.13
N ILE A 140 -6.03 -26.10 -8.94
CA ILE A 140 -6.79 -26.56 -7.73
C ILE A 140 -6.39 -28.01 -7.45
N SER A 141 -6.70 -28.51 -6.26
CA SER A 141 -6.27 -29.83 -5.71
C SER A 141 -4.83 -30.15 -6.12
N GLU A 142 -3.90 -29.37 -5.60
CA GLU A 142 -2.46 -29.69 -5.78
C GLU A 142 -2.15 -29.88 -7.28
N GLY A 143 -2.77 -29.13 -8.19
CA GLY A 143 -2.40 -29.18 -9.62
C GLY A 143 -3.14 -30.27 -10.42
N GLN A 144 -3.97 -31.10 -9.78
CA GLN A 144 -4.72 -32.15 -10.53
C GLN A 144 -5.82 -31.52 -11.38
N GLY A 145 -6.28 -30.31 -11.03
CA GLY A 145 -7.41 -29.63 -11.68
C GLY A 145 -7.04 -28.23 -12.07
N PHE A 146 -7.73 -27.64 -13.04
CA PHE A 146 -7.57 -26.22 -13.48
C PHE A 146 -8.96 -25.71 -13.74
N MET A 147 -9.31 -24.62 -13.09
CA MET A 147 -10.68 -24.05 -13.10
C MET A 147 -10.59 -22.66 -13.75
N THR A 148 -11.31 -22.47 -14.85
CA THR A 148 -11.12 -21.33 -15.79
C THR A 148 -11.83 -20.02 -15.20
N ARG A 149 -11.12 -18.90 -15.54
CA ARG A 149 -11.38 -17.53 -14.93
C ARG A 149 -12.83 -17.22 -15.22
N GLU A 150 -13.20 -17.51 -16.49
CA GLU A 150 -14.56 -17.41 -17.03
C GLU A 150 -15.54 -18.16 -16.09
N PHE A 151 -15.26 -19.43 -15.82
CA PHE A 151 -16.26 -20.32 -15.17
C PHE A 151 -16.65 -19.69 -13.84
N LEU A 152 -15.62 -19.28 -13.10
CA LEU A 152 -15.63 -18.63 -11.76
C LEU A 152 -16.28 -17.27 -11.84
N LYS A 153 -16.12 -16.55 -12.97
CA LYS A 153 -16.74 -15.23 -13.21
C LYS A 153 -18.26 -15.42 -13.35
N SER A 154 -18.69 -16.54 -13.95
CA SER A 154 -20.11 -16.81 -14.36
C SER A 154 -20.95 -17.30 -13.17
N LEU A 155 -20.38 -17.36 -11.96
CA LEU A 155 -21.12 -17.91 -10.79
C LEU A 155 -22.17 -16.88 -10.37
N ARG A 156 -23.33 -17.35 -9.91
CA ARG A 156 -24.43 -16.44 -9.46
C ARG A 156 -23.88 -15.44 -8.42
N LYS A 157 -24.42 -14.22 -8.41
CA LYS A 157 -24.02 -13.18 -7.43
C LYS A 157 -24.43 -13.76 -6.08
N PRO A 158 -23.68 -13.52 -4.98
CA PRO A 158 -22.48 -12.67 -5.00
C PRO A 158 -21.13 -13.35 -5.27
N PHE A 159 -21.09 -14.60 -5.75
CA PHE A 159 -19.81 -15.35 -5.90
C PHE A 159 -19.16 -15.08 -7.26
N GLY A 160 -19.86 -14.41 -8.17
CA GLY A 160 -19.38 -14.20 -9.54
C GLY A 160 -18.02 -13.52 -9.59
N ASP A 161 -17.85 -12.54 -8.72
CA ASP A 161 -16.71 -11.57 -8.71
C ASP A 161 -15.80 -11.88 -7.50
N PHE A 162 -15.96 -13.04 -6.87
CA PHE A 162 -15.16 -13.44 -5.69
C PHE A 162 -13.69 -13.53 -6.12
N MET A 163 -13.40 -14.14 -7.28
CA MET A 163 -12.04 -14.52 -7.71
C MET A 163 -11.39 -13.47 -8.62
N GLU A 164 -12.14 -12.55 -9.18
CA GLU A 164 -11.61 -11.63 -10.22
C GLU A 164 -10.44 -10.83 -9.58
N PRO A 165 -10.65 -10.12 -8.45
CA PRO A 165 -9.60 -9.25 -7.92
C PRO A 165 -8.25 -9.95 -7.67
N LYS A 166 -8.30 -11.26 -7.40
CA LYS A 166 -7.11 -12.11 -7.19
C LYS A 166 -6.49 -12.35 -8.55
N PHE A 167 -7.31 -12.67 -9.55
CA PHE A 167 -6.83 -12.86 -10.93
C PHE A 167 -6.09 -11.58 -11.34
N GLU A 168 -6.74 -10.41 -11.19
CA GLU A 168 -6.18 -9.10 -11.67
C GLU A 168 -4.83 -8.95 -10.95
N PHE A 169 -4.81 -9.20 -9.66
CA PHE A 169 -3.55 -9.04 -8.89
C PHE A 169 -2.45 -10.06 -9.32
N ALA A 170 -2.89 -11.28 -9.64
CA ALA A 170 -1.95 -12.34 -10.05
C ALA A 170 -1.34 -12.02 -11.43
N VAL A 171 -2.14 -11.55 -12.39
CA VAL A 171 -1.61 -11.18 -13.73
C VAL A 171 -0.39 -10.22 -13.50
N LYS A 172 -0.61 -9.19 -12.69
CA LYS A 172 0.35 -8.05 -12.51
C LYS A 172 1.49 -8.54 -11.63
N PHE A 173 1.21 -9.30 -10.57
CA PHE A 173 2.31 -9.84 -9.74
C PHE A 173 3.19 -10.73 -10.65
N ASN A 174 2.56 -11.56 -11.48
CA ASN A 174 3.30 -12.63 -12.20
C ASN A 174 4.26 -12.02 -13.22
N ALA A 175 3.98 -10.80 -13.68
CA ALA A 175 4.89 -10.12 -14.65
C ALA A 175 6.23 -9.77 -14.00
N LEU A 176 6.38 -9.83 -12.66
CA LEU A 176 7.69 -9.57 -12.01
C LEU A 176 8.57 -10.81 -12.26
N GLU A 177 7.94 -11.95 -12.53
CA GLU A 177 8.61 -13.26 -12.81
C GLU A 177 9.47 -13.68 -11.60
N LEU A 178 8.92 -13.61 -10.40
CA LEU A 178 9.66 -14.06 -9.18
C LEU A 178 9.67 -15.59 -9.22
N ASP A 179 10.76 -16.19 -8.81
CA ASP A 179 10.74 -17.66 -8.63
C ASP A 179 10.61 -17.89 -7.11
N ASP A 180 10.49 -19.14 -6.70
CA ASP A 180 10.26 -19.59 -5.31
C ASP A 180 11.34 -19.02 -4.35
N SER A 181 12.62 -18.99 -4.73
CA SER A 181 13.69 -18.42 -3.87
C SER A 181 13.40 -16.94 -3.55
N ASP A 182 12.86 -16.16 -4.50
CA ASP A 182 12.51 -14.74 -4.24
C ASP A 182 11.28 -14.69 -3.33
N LEU A 183 10.28 -15.54 -3.59
CA LEU A 183 9.00 -15.54 -2.85
C LEU A 183 9.25 -15.89 -1.35
N ALA A 184 10.09 -16.88 -1.08
CA ALA A 184 10.38 -17.37 0.29
C ALA A 184 10.83 -16.17 1.13
N ILE A 185 11.61 -15.24 0.57
CA ILE A 185 12.03 -14.04 1.38
C ILE A 185 10.87 -13.04 1.47
N PHE A 186 10.20 -12.83 0.36
CA PHE A 186 9.11 -11.84 0.26
C PHE A 186 8.04 -12.21 1.31
N ILE A 187 7.66 -13.50 1.41
CA ILE A 187 6.57 -13.83 2.37
C ILE A 187 7.10 -13.68 3.79
N ALA A 188 8.38 -13.92 4.06
CA ALA A 188 9.03 -13.64 5.38
C ALA A 188 8.88 -12.17 5.73
N VAL A 189 9.15 -11.28 4.77
CA VAL A 189 9.01 -9.82 4.97
C VAL A 189 7.58 -9.53 5.39
N ILE A 190 6.61 -10.10 4.67
CA ILE A 190 5.15 -9.87 4.94
C ILE A 190 4.84 -10.25 6.39
N ILE A 191 5.25 -11.43 6.87
CA ILE A 191 4.90 -11.88 8.25
C ILE A 191 5.52 -10.94 9.29
N LEU A 192 6.76 -10.49 9.10
CA LEU A 192 7.48 -9.66 10.10
C LEU A 192 7.17 -8.17 9.87
N SER A 193 5.90 -7.79 9.79
CA SER A 193 5.45 -6.40 9.52
C SER A 193 5.14 -5.75 10.88
N GLY A 194 5.90 -4.69 11.21
CA GLY A 194 5.84 -3.92 12.46
C GLY A 194 4.61 -3.06 12.55
N ASP A 195 3.87 -2.88 11.46
CA ASP A 195 2.74 -1.90 11.46
C ASP A 195 1.38 -2.60 11.68
N ARG A 196 1.35 -3.86 12.13
CA ARG A 196 0.07 -4.61 12.33
C ARG A 196 -0.64 -4.07 13.55
N PRO A 197 -1.96 -3.85 13.50
CA PRO A 197 -2.67 -3.35 14.69
C PRO A 197 -2.46 -4.24 15.95
N GLY A 198 -2.23 -3.62 17.11
CA GLY A 198 -2.29 -4.22 18.47
C GLY A 198 -0.92 -4.74 18.98
N LEU A 199 0.16 -4.59 18.13
CA LEU A 199 1.51 -5.21 18.37
C LEU A 199 2.11 -4.63 19.64
N LEU A 200 2.37 -5.47 20.62
CA LEU A 200 2.99 -5.06 21.90
C LEU A 200 4.39 -4.51 21.61
N ASN A 201 5.20 -5.22 20.86
CA ASN A 201 6.67 -4.98 20.84
C ASN A 201 7.15 -4.86 19.40
N VAL A 202 6.97 -3.67 18.84
CA VAL A 202 7.18 -3.41 17.39
C VAL A 202 8.66 -3.54 17.06
N LYS A 203 9.56 -3.11 17.92
CA LYS A 203 10.97 -2.92 17.52
C LYS A 203 11.68 -4.22 17.20
N PRO A 204 11.59 -5.30 18.02
CA PRO A 204 12.18 -6.59 17.67
C PRO A 204 11.68 -7.19 16.33
N ILE A 205 10.44 -6.91 15.95
CA ILE A 205 9.90 -7.38 14.65
C ILE A 205 10.60 -6.61 13.52
N GLU A 206 10.73 -5.31 13.70
CA GLU A 206 11.30 -4.40 12.70
C GLU A 206 12.77 -4.79 12.45
N ASP A 207 13.53 -5.16 13.50
CA ASP A 207 14.97 -5.55 13.38
C ASP A 207 15.04 -6.88 12.63
N ILE A 208 14.10 -7.79 12.86
CA ILE A 208 14.01 -8.99 11.99
C ILE A 208 13.69 -8.58 10.55
N GLN A 209 12.74 -7.69 10.34
CA GLN A 209 12.28 -7.32 8.97
C GLN A 209 13.43 -6.59 8.26
N ASP A 210 14.16 -5.72 8.99
CA ASP A 210 15.27 -4.97 8.37
C ASP A 210 16.22 -5.99 7.74
N ASN A 211 16.60 -6.99 8.53
CA ASN A 211 17.53 -8.05 8.06
C ASN A 211 16.89 -8.86 6.91
N LEU A 212 15.60 -9.12 6.94
CA LEU A 212 14.93 -9.87 5.84
C LEU A 212 14.92 -9.02 4.56
N LEU A 213 14.71 -7.71 4.72
CA LEU A 213 14.67 -6.73 3.62
C LEU A 213 16.05 -6.70 2.98
N GLN A 214 17.10 -6.53 3.77
CA GLN A 214 18.52 -6.62 3.31
C GLN A 214 18.68 -7.95 2.53
N ALA A 215 18.16 -9.07 3.04
CA ALA A 215 18.32 -10.38 2.34
C ALA A 215 17.55 -10.40 1.01
N LEU A 216 16.34 -9.90 1.02
CA LEU A 216 15.54 -9.84 -0.22
C LEU A 216 16.25 -8.93 -1.21
N GLU A 217 16.80 -7.83 -0.76
CA GLU A 217 17.42 -6.86 -1.68
C GLU A 217 18.59 -7.55 -2.36
N LEU A 218 19.48 -8.21 -1.60
CA LEU A 218 20.62 -8.92 -2.26
C LEU A 218 20.09 -10.04 -3.16
N GLN A 219 19.07 -10.80 -2.72
CA GLN A 219 18.51 -11.91 -3.56
C GLN A 219 18.07 -11.37 -4.92
N LEU A 220 17.24 -10.34 -4.96
CA LEU A 220 16.68 -9.77 -6.22
C LEU A 220 17.79 -9.26 -7.15
N LYS A 221 18.88 -8.67 -6.65
CA LYS A 221 19.95 -8.12 -7.52
C LYS A 221 20.80 -9.26 -8.13
N LEU A 222 20.92 -10.38 -7.43
CA LEU A 222 21.77 -11.52 -7.87
C LEU A 222 20.95 -12.37 -8.83
N ASN A 223 19.68 -12.59 -8.52
CA ASN A 223 18.81 -13.54 -9.26
C ASN A 223 18.20 -12.82 -10.45
N HIS A 224 18.03 -11.49 -10.37
CA HIS A 224 17.46 -10.69 -11.49
C HIS A 224 18.29 -9.47 -11.79
N PRO A 225 19.58 -9.61 -12.19
CA PRO A 225 20.49 -8.46 -12.35
C PRO A 225 20.00 -7.46 -13.40
N GLU A 226 19.20 -7.87 -14.37
CA GLU A 226 18.80 -6.99 -15.49
C GLU A 226 17.37 -6.49 -15.26
N SER A 227 16.83 -6.60 -14.05
CA SER A 227 15.46 -6.16 -13.69
C SER A 227 15.57 -4.97 -12.71
N SER A 228 15.62 -3.78 -13.29
CA SER A 228 15.89 -2.50 -12.60
C SER A 228 14.83 -2.29 -11.49
N GLN A 229 15.28 -1.99 -10.28
CA GLN A 229 14.40 -1.59 -9.14
C GLN A 229 13.26 -2.59 -8.95
N LEU A 230 13.56 -3.89 -9.13
CA LEU A 230 12.61 -4.97 -8.80
C LEU A 230 12.22 -4.83 -7.33
N PHE A 231 13.20 -4.60 -6.47
CA PHE A 231 13.02 -4.54 -5.00
C PHE A 231 11.88 -3.58 -4.66
N ALA A 232 11.97 -2.35 -5.13
CA ALA A 232 10.98 -1.26 -4.94
C ALA A 232 9.60 -1.57 -5.61
N LYS A 233 9.61 -2.17 -6.81
CA LYS A 233 8.39 -2.69 -7.50
C LYS A 233 7.74 -3.77 -6.63
N LEU A 234 8.51 -4.73 -6.17
CA LEU A 234 7.93 -5.80 -5.31
C LEU A 234 7.35 -5.16 -4.04
N LEU A 235 8.03 -4.19 -3.36
CA LEU A 235 7.53 -3.66 -2.06
C LEU A 235 6.23 -2.86 -2.27
N GLN A 236 6.06 -2.21 -3.41
CA GLN A 236 4.80 -1.51 -3.74
C GLN A 236 3.67 -2.52 -3.97
N LYS A 237 3.96 -3.79 -4.22
CA LYS A 237 2.86 -4.75 -4.48
C LYS A 237 2.06 -4.91 -3.20
N MET A 238 2.67 -4.58 -2.03
CA MET A 238 2.08 -4.85 -0.71
C MET A 238 0.78 -4.07 -0.56
N THR A 239 0.63 -3.02 -1.36
CA THR A 239 -0.56 -2.16 -1.34
C THR A 239 -1.68 -2.91 -2.08
N ASP A 240 -1.30 -3.63 -3.13
CA ASP A 240 -2.27 -4.39 -3.96
C ASP A 240 -2.81 -5.56 -3.12
N LEU A 241 -1.95 -6.14 -2.28
CA LEU A 241 -2.36 -7.26 -1.39
C LEU A 241 -3.43 -6.79 -0.41
N ARG A 242 -3.15 -5.73 0.38
CA ARG A 242 -4.10 -5.17 1.38
C ARG A 242 -5.50 -4.99 0.79
N GLN A 243 -5.55 -4.49 -0.45
CA GLN A 243 -6.79 -4.18 -1.20
C GLN A 243 -7.54 -5.46 -1.48
N ILE A 244 -6.82 -6.52 -1.92
CA ILE A 244 -7.47 -7.86 -2.13
C ILE A 244 -8.18 -8.17 -0.80
N VAL A 245 -7.46 -8.10 0.33
CA VAL A 245 -7.96 -8.55 1.68
C VAL A 245 -9.22 -7.76 2.04
N THR A 246 -9.09 -6.43 2.01
CA THR A 246 -10.18 -5.43 2.18
C THR A 246 -11.43 -5.77 1.34
N GLU A 247 -11.31 -5.91 0.01
CA GLU A 247 -12.47 -6.21 -0.89
C GLU A 247 -13.13 -7.51 -0.40
N HIS A 248 -12.31 -8.46 0.07
CA HIS A 248 -12.77 -9.84 0.39
C HIS A 248 -13.65 -9.81 1.64
N VAL A 249 -13.23 -9.04 2.65
CA VAL A 249 -13.96 -8.88 3.93
C VAL A 249 -15.30 -8.21 3.64
N GLN A 250 -15.30 -7.17 2.79
CA GLN A 250 -16.56 -6.56 2.31
C GLN A 250 -17.41 -7.67 1.71
N LEU A 251 -16.83 -8.49 0.84
CA LEU A 251 -17.61 -9.54 0.12
C LEU A 251 -18.16 -10.57 1.11
N LEU A 252 -17.42 -10.87 2.18
CA LEU A 252 -17.84 -11.86 3.21
C LEU A 252 -19.06 -11.32 3.95
N GLN A 253 -19.10 -10.01 4.26
CA GLN A 253 -20.20 -9.49 5.12
C GLN A 253 -21.48 -9.48 4.29
N VAL A 254 -21.37 -9.44 2.95
CA VAL A 254 -22.51 -9.66 2.02
C VAL A 254 -23.00 -11.10 2.16
N ILE A 255 -22.09 -12.05 1.96
CA ILE A 255 -22.35 -13.54 1.98
C ILE A 255 -23.05 -13.95 3.28
N LYS A 256 -22.54 -13.49 4.43
CA LYS A 256 -23.12 -13.79 5.78
C LYS A 256 -24.57 -13.36 5.92
N LYS A 257 -25.07 -12.41 5.10
CA LYS A 257 -26.48 -11.94 5.17
C LYS A 257 -27.34 -12.68 4.15
N THR A 258 -26.89 -12.77 2.90
CA THR A 258 -27.67 -13.45 1.83
C THR A 258 -27.63 -14.97 2.06
N GLU A 259 -26.52 -15.52 2.57
CA GLU A 259 -26.34 -17.00 2.68
C GLU A 259 -26.31 -17.40 4.17
N THR A 260 -27.46 -17.41 4.85
CA THR A 260 -27.55 -17.76 6.31
C THR A 260 -27.45 -19.27 6.53
N ASP A 261 -27.51 -20.05 5.46
CA ASP A 261 -27.37 -21.52 5.52
C ASP A 261 -25.91 -21.96 5.27
N MET A 262 -24.96 -21.03 5.25
CA MET A 262 -23.58 -21.29 4.75
C MET A 262 -22.53 -21.10 5.85
N SER A 263 -21.93 -22.23 6.19
CA SER A 263 -21.00 -22.47 7.32
C SER A 263 -19.72 -21.70 7.05
N LEU A 264 -19.06 -21.26 8.10
CA LEU A 264 -17.76 -20.56 7.99
C LEU A 264 -16.81 -21.29 8.92
N HIS A 265 -15.62 -21.61 8.41
CA HIS A 265 -14.61 -22.44 9.12
C HIS A 265 -14.16 -21.58 10.29
N PRO A 266 -14.26 -22.09 11.53
CA PRO A 266 -13.94 -21.30 12.71
C PRO A 266 -12.57 -20.65 12.58
N LEU A 267 -11.60 -21.36 12.03
CA LEU A 267 -10.25 -20.79 11.94
C LEU A 267 -10.27 -19.51 11.10
N LEU A 268 -11.08 -19.38 10.02
CA LEU A 268 -11.00 -18.13 9.20
C LEU A 268 -11.84 -17.06 9.88
N GLN A 269 -12.95 -17.44 10.47
CA GLN A 269 -13.76 -16.55 11.33
C GLN A 269 -12.91 -15.86 12.39
N GLU A 270 -12.06 -16.62 13.09
CA GLU A 270 -11.14 -16.02 14.09
C GLU A 270 -10.14 -15.12 13.34
N ILE A 271 -9.65 -15.51 12.16
CA ILE A 271 -8.70 -14.61 11.47
C ILE A 271 -9.41 -13.31 11.06
N TYR A 272 -10.67 -13.36 10.65
CA TYR A 272 -11.42 -12.17 10.13
C TYR A 272 -11.88 -11.23 11.26
N LYS A 273 -12.04 -11.69 12.52
CA LYS A 273 -12.52 -10.92 13.71
C LYS A 273 -12.33 -9.40 13.57
N GLU B 6 25.64 6.22 -13.57
CA GLU B 6 26.65 7.05 -12.84
C GLU B 6 25.96 7.75 -11.65
N SER B 7 26.65 7.81 -10.51
CA SER B 7 26.23 8.57 -9.32
C SER B 7 26.01 10.05 -9.64
N ALA B 8 26.95 10.66 -10.37
CA ALA B 8 26.96 12.10 -10.72
C ALA B 8 25.58 12.46 -11.31
N ASP B 9 25.12 11.61 -12.20
CA ASP B 9 23.77 11.69 -12.80
C ASP B 9 22.69 11.70 -11.72
N LEU B 10 22.76 10.76 -10.78
CA LEU B 10 21.65 10.56 -9.81
C LEU B 10 21.64 11.78 -8.89
N ARG B 11 22.82 12.25 -8.47
CA ARG B 11 23.00 13.43 -7.59
C ARG B 11 22.50 14.69 -8.31
N ALA B 12 22.82 14.83 -9.60
CA ALA B 12 22.33 15.92 -10.48
C ALA B 12 20.80 15.94 -10.41
N LEU B 13 20.18 14.75 -10.49
CA LEU B 13 18.71 14.65 -10.50
C LEU B 13 18.21 15.01 -9.12
N ALA B 14 18.89 14.59 -8.05
CA ALA B 14 18.52 14.88 -6.65
C ALA B 14 18.52 16.40 -6.46
N LYS B 15 19.62 17.05 -6.83
CA LYS B 15 19.76 18.52 -6.63
C LYS B 15 18.69 19.28 -7.46
N HIS B 16 18.51 18.88 -8.70
CA HIS B 16 17.49 19.44 -9.61
C HIS B 16 16.10 19.41 -8.95
N LEU B 17 15.72 18.26 -8.40
CA LEU B 17 14.38 18.13 -7.77
C LEU B 17 14.31 18.93 -6.46
N TYR B 18 15.37 18.89 -5.63
CA TYR B 18 15.45 19.76 -4.44
C TYR B 18 15.25 21.22 -4.85
N ASP B 19 16.05 21.74 -5.76
CA ASP B 19 15.96 23.17 -6.16
C ASP B 19 14.53 23.50 -6.59
N SER B 20 13.86 22.58 -7.27
CA SER B 20 12.51 22.83 -7.83
C SER B 20 11.49 22.70 -6.70
N TYR B 21 11.66 21.73 -5.83
CA TYR B 21 10.82 21.62 -4.61
C TYR B 21 10.86 22.95 -3.83
N ILE B 22 12.03 23.57 -3.61
CA ILE B 22 12.17 24.87 -2.88
C ILE B 22 11.36 25.97 -3.59
N LYS B 23 11.42 26.04 -4.92
CA LYS B 23 10.76 27.08 -5.73
C LYS B 23 9.25 26.82 -5.72
N SER B 24 8.78 25.57 -5.72
CA SER B 24 7.34 25.25 -5.84
C SER B 24 6.64 25.34 -4.49
N PHE B 25 7.32 25.00 -3.41
CA PHE B 25 6.70 24.85 -2.06
C PHE B 25 7.26 25.89 -1.12
N PRO B 26 6.50 26.96 -0.84
CA PRO B 26 6.95 28.05 0.04
C PRO B 26 7.10 27.64 1.52
N LEU B 27 6.18 26.84 2.07
CA LEU B 27 6.39 26.33 3.45
C LEU B 27 7.07 24.96 3.36
N THR B 28 8.39 24.96 3.55
CA THR B 28 9.31 23.79 3.54
C THR B 28 9.31 23.09 4.91
N LYS B 29 9.74 21.82 4.92
CA LYS B 29 9.85 21.08 6.19
C LYS B 29 10.79 21.78 7.18
N ALA B 30 11.94 22.23 6.69
CA ALA B 30 12.92 22.94 7.54
C ALA B 30 12.21 24.11 8.22
N LYS B 31 11.53 24.96 7.44
CA LYS B 31 10.79 26.15 7.93
C LYS B 31 9.74 25.65 8.94
N ALA B 32 8.90 24.70 8.54
CA ALA B 32 7.80 24.17 9.38
C ALA B 32 8.35 23.64 10.72
N ARG B 33 9.50 22.95 10.73
CA ARG B 33 10.09 22.40 11.99
C ARG B 33 10.54 23.53 12.94
N ALA B 34 11.23 24.55 12.44
CA ALA B 34 11.68 25.71 13.23
C ALA B 34 10.49 26.21 14.04
N ILE B 35 9.41 26.53 13.31
CA ILE B 35 8.11 27.08 13.83
C ILE B 35 7.49 26.15 14.90
N LEU B 36 7.37 24.83 14.67
CA LEU B 36 6.67 23.88 15.61
C LEU B 36 7.44 23.63 16.92
N THR B 37 8.76 23.80 16.93
CA THR B 37 9.65 23.52 18.10
C THR B 37 10.00 24.81 18.84
N GLY B 38 10.46 25.85 18.13
CA GLY B 38 10.70 27.21 18.69
C GLY B 38 12.16 27.66 18.55
N ASP B 42 11.18 32.35 17.29
CA ASP B 42 11.14 33.73 17.88
C ASP B 42 9.69 34.23 17.86
N LYS B 43 9.02 34.16 16.70
CA LYS B 43 7.65 34.69 16.44
C LYS B 43 6.62 33.54 16.52
N SER B 44 6.29 33.04 17.72
CA SER B 44 5.36 31.88 17.87
C SER B 44 4.17 32.11 16.94
N PRO B 45 3.64 31.08 16.24
CA PRO B 45 2.43 31.26 15.44
C PRO B 45 1.20 31.52 16.34
N PHE B 46 0.10 32.04 15.76
CA PHE B 46 -1.17 32.21 16.52
C PHE B 46 -1.84 30.84 16.73
N VAL B 47 -2.15 30.45 17.94
CA VAL B 47 -2.68 29.08 18.22
C VAL B 47 -4.20 29.10 18.34
N ILE B 48 -4.84 28.14 17.66
CA ILE B 48 -6.30 27.91 17.74
C ILE B 48 -6.52 26.60 18.50
N TYR B 49 -6.96 26.66 19.78
CA TYR B 49 -7.08 25.46 20.64
C TYR B 49 -8.61 25.16 20.84
N ASP B 50 -9.43 26.18 20.58
CA ASP B 50 -10.88 26.29 21.03
C ASP B 50 -11.61 27.22 20.03
N MET B 51 -12.91 27.47 20.33
CA MET B 51 -13.81 28.30 19.47
C MET B 51 -13.43 29.79 19.59
N ASN B 52 -13.13 30.29 20.79
CA ASN B 52 -12.89 31.75 21.05
C ASN B 52 -11.48 32.26 20.52
N SER B 53 -10.52 31.28 20.53
CA SER B 53 -9.21 31.41 19.80
C SER B 53 -9.44 31.49 18.28
N LEU B 54 -10.25 30.59 17.70
CA LEU B 54 -10.52 30.50 16.22
C LEU B 54 -11.09 31.84 15.75
N MET B 55 -12.12 32.30 16.49
CA MET B 55 -12.94 33.52 16.21
C MET B 55 -12.05 34.75 16.34
N MET B 56 -10.97 34.65 17.11
CA MET B 56 -9.99 35.75 17.25
C MET B 56 -8.98 35.68 16.10
N GLY B 57 -8.61 34.46 15.74
CA GLY B 57 -7.61 34.15 14.70
C GLY B 57 -8.05 34.52 13.29
N GLU B 58 -9.35 34.41 12.97
CA GLU B 58 -9.97 34.93 11.71
C GLU B 58 -9.74 36.46 11.66
N ASP B 59 -9.85 37.16 12.80
CA ASP B 59 -9.68 38.64 12.90
C ASP B 59 -8.19 39.05 12.98
N LYS B 60 -7.29 38.08 13.26
CA LYS B 60 -5.83 38.30 13.40
C LYS B 60 -5.11 37.93 12.09
N ILE B 61 -5.24 36.69 11.64
CA ILE B 61 -4.79 36.23 10.29
C ILE B 61 -5.88 36.68 9.27
N LYS B 62 -5.49 37.11 8.07
CA LYS B 62 -6.46 37.49 7.00
C LYS B 62 -6.71 36.23 6.12
N PHE B 63 -7.50 35.27 6.62
CA PHE B 63 -7.84 33.98 5.93
C PHE B 63 -8.50 34.29 4.57
N LYS B 64 -8.11 33.55 3.53
CA LYS B 64 -8.46 33.87 2.11
C LYS B 64 -9.73 33.12 1.66
N HIS B 65 -10.09 32.04 2.39
CA HIS B 65 -11.25 31.13 2.11
C HIS B 65 -12.58 31.57 2.78
N ILE B 66 -12.61 32.67 3.55
CA ILE B 66 -13.81 33.04 4.37
C ILE B 66 -14.74 33.83 3.44
N THR B 67 -16.06 33.83 3.70
CA THR B 67 -17.10 34.49 2.85
C THR B 67 -18.08 35.22 3.76
N PRO B 68 -19.20 35.80 3.23
CA PRO B 68 -20.08 36.68 4.02
C PRO B 68 -20.49 36.21 5.44
N LYS B 74 -21.68 27.49 7.13
CA LYS B 74 -21.81 28.68 8.03
C LYS B 74 -21.85 28.29 9.53
N GLU B 75 -21.63 27.00 9.87
CA GLU B 75 -21.25 26.47 11.20
C GLU B 75 -19.73 26.23 11.16
N VAL B 76 -19.07 26.15 12.32
CA VAL B 76 -17.59 26.25 12.42
C VAL B 76 -16.93 25.05 11.73
N ALA B 77 -17.34 23.83 12.12
CA ALA B 77 -16.78 22.56 11.62
C ALA B 77 -16.75 22.61 10.10
N ILE B 78 -17.82 23.12 9.49
CA ILE B 78 -17.99 23.18 8.01
C ILE B 78 -16.91 24.08 7.42
N ARG B 79 -16.88 25.35 7.86
CA ARG B 79 -15.94 26.43 7.46
C ARG B 79 -14.48 25.97 7.61
N ILE B 80 -14.17 25.20 8.67
CA ILE B 80 -12.80 24.59 8.83
C ILE B 80 -12.59 23.55 7.71
N PHE B 81 -13.54 22.66 7.49
CA PHE B 81 -13.37 21.62 6.43
C PHE B 81 -13.22 22.30 5.06
N GLN B 82 -14.06 23.29 4.79
CA GLN B 82 -14.00 24.02 3.50
C GLN B 82 -12.62 24.65 3.34
N GLY B 83 -12.08 25.26 4.39
CA GLY B 83 -10.71 25.81 4.43
C GLY B 83 -9.66 24.78 4.08
N CYS B 84 -9.87 23.49 4.41
CA CYS B 84 -8.88 22.43 4.06
C CYS B 84 -8.94 22.17 2.56
N GLN B 85 -10.14 22.23 1.99
CA GLN B 85 -10.39 22.08 0.54
C GLN B 85 -9.66 23.23 -0.16
N PHE B 86 -9.85 24.48 0.27
CA PHE B 86 -9.23 25.67 -0.41
C PHE B 86 -7.72 25.45 -0.49
N ARG B 87 -7.11 24.96 0.60
CA ARG B 87 -5.63 24.81 0.67
C ARG B 87 -5.24 23.67 -0.29
N SER B 88 -6.07 22.64 -0.41
CA SER B 88 -5.71 21.44 -1.22
C SER B 88 -5.65 21.88 -2.69
N VAL B 89 -6.67 22.58 -3.11
CA VAL B 89 -6.68 23.24 -4.45
C VAL B 89 -5.42 24.11 -4.59
N GLU B 90 -5.07 24.94 -3.62
CA GLU B 90 -3.76 25.63 -3.76
C GLU B 90 -2.64 24.60 -3.96
N ALA B 91 -2.61 23.55 -3.14
CA ALA B 91 -1.45 22.62 -3.15
C ALA B 91 -1.43 21.87 -4.48
N VAL B 92 -2.58 21.57 -5.07
CA VAL B 92 -2.60 21.01 -6.45
C VAL B 92 -1.77 21.93 -7.38
N GLN B 93 -1.86 23.25 -7.29
CA GLN B 93 -1.18 24.08 -8.36
C GLN B 93 0.33 23.99 -8.15
N GLU B 94 0.73 23.88 -6.91
CA GLU B 94 2.19 23.84 -6.58
C GLU B 94 2.75 22.51 -7.15
N ILE B 95 2.07 21.41 -6.80
CA ILE B 95 2.49 20.04 -7.16
C ILE B 95 2.47 19.92 -8.69
N THR B 96 1.46 20.49 -9.36
CA THR B 96 1.40 20.55 -10.84
C THR B 96 2.78 21.11 -11.27
N GLU B 97 3.10 22.33 -10.79
CA GLU B 97 4.24 23.15 -11.33
C GLU B 97 5.50 22.34 -11.10
N TYR B 98 5.62 21.76 -9.90
CA TYR B 98 6.78 20.97 -9.43
C TYR B 98 6.97 19.78 -10.37
N ALA B 99 5.88 19.10 -10.72
CA ALA B 99 5.85 17.96 -11.66
C ALA B 99 6.46 18.30 -13.03
N LYS B 100 6.23 19.51 -13.53
CA LYS B 100 6.79 19.93 -14.84
C LYS B 100 8.31 20.02 -14.78
N SER B 101 8.93 20.06 -13.60
CA SER B 101 10.42 20.13 -13.47
C SER B 101 11.03 18.73 -13.44
N ILE B 102 10.23 17.69 -13.32
CA ILE B 102 10.76 16.29 -13.25
C ILE B 102 11.20 15.90 -14.65
N PRO B 103 12.50 15.62 -14.92
CA PRO B 103 12.95 15.25 -16.28
C PRO B 103 12.14 14.10 -16.89
N GLY B 104 11.59 14.37 -18.09
CA GLY B 104 10.74 13.44 -18.88
C GLY B 104 9.25 13.65 -18.66
N PHE B 105 8.83 14.31 -17.59
CA PHE B 105 7.39 14.43 -17.29
C PHE B 105 6.63 15.12 -18.42
N VAL B 106 7.11 16.27 -18.91
CA VAL B 106 6.33 17.14 -19.86
C VAL B 106 6.32 16.47 -21.24
N ASN B 107 7.23 15.52 -21.50
CA ASN B 107 7.35 14.79 -22.78
C ASN B 107 6.42 13.59 -22.81
N LEU B 108 5.76 13.23 -21.71
CA LEU B 108 4.73 12.16 -21.75
C LEU B 108 3.51 12.63 -22.59
N ASP B 109 2.70 11.66 -22.97
CA ASP B 109 1.35 11.90 -23.53
C ASP B 109 0.58 12.79 -22.53
N LEU B 110 -0.09 13.81 -23.05
CA LEU B 110 -0.77 14.89 -22.33
C LEU B 110 -1.86 14.36 -21.38
N ASN B 111 -2.54 13.27 -21.78
CA ASN B 111 -3.61 12.65 -20.98
C ASN B 111 -3.00 11.95 -19.75
N ASP B 112 -1.80 11.40 -19.91
CA ASP B 112 -1.14 10.62 -18.83
C ASP B 112 -0.61 11.61 -17.81
N GLN B 113 -0.19 12.79 -18.31
CA GLN B 113 0.25 13.88 -17.41
C GLN B 113 -0.96 14.20 -16.53
N VAL B 114 -2.14 14.33 -17.16
CA VAL B 114 -3.35 14.69 -16.39
C VAL B 114 -3.69 13.55 -15.44
N THR B 115 -3.57 12.31 -15.92
CA THR B 115 -3.96 11.08 -15.19
C THR B 115 -3.07 10.90 -13.95
N LEU B 116 -1.74 10.91 -14.09
CA LEU B 116 -0.75 10.91 -12.98
C LEU B 116 -1.04 12.05 -11.99
N LEU B 117 -1.29 13.28 -12.45
CA LEU B 117 -1.55 14.39 -11.49
C LEU B 117 -2.84 14.08 -10.70
N LYS B 118 -3.91 13.77 -11.39
CA LYS B 118 -5.23 13.47 -10.81
C LYS B 118 -5.08 12.49 -9.64
N TYR B 119 -4.32 11.40 -9.82
CA TYR B 119 -4.31 10.26 -8.86
C TYR B 119 -3.12 10.42 -7.91
N GLY B 120 -2.28 11.42 -8.11
CA GLY B 120 -1.02 11.56 -7.37
C GLY B 120 -1.10 12.62 -6.28
N VAL B 121 -2.00 13.58 -6.45
CA VAL B 121 -1.97 14.86 -5.68
C VAL B 121 -2.41 14.57 -4.26
N HIS B 122 -3.36 13.67 -4.05
CA HIS B 122 -3.81 13.39 -2.66
C HIS B 122 -2.64 12.79 -1.88
N GLU B 123 -1.97 11.79 -2.43
CA GLU B 123 -0.81 11.12 -1.81
C GLU B 123 0.22 12.17 -1.40
N ILE B 124 0.45 13.12 -2.29
CA ILE B 124 1.53 14.12 -2.08
C ILE B 124 0.99 15.10 -1.04
N ILE B 125 -0.28 15.44 -1.10
CA ILE B 125 -0.86 16.38 -0.13
C ILE B 125 -0.59 15.79 1.27
N TYR B 126 -0.91 14.53 1.53
CA TYR B 126 -0.87 13.99 2.92
C TYR B 126 0.59 13.81 3.34
N THR B 127 1.47 13.50 2.38
CA THR B 127 2.93 13.45 2.61
C THR B 127 3.45 14.83 3.11
N MET B 128 3.06 15.89 2.41
CA MET B 128 3.65 17.20 2.67
C MET B 128 2.99 17.80 3.91
N LEU B 129 1.70 17.55 4.16
CA LEU B 129 0.93 17.81 5.42
C LEU B 129 1.75 17.32 6.62
N ALA B 130 2.32 16.12 6.56
CA ALA B 130 3.14 15.53 7.64
C ALA B 130 4.25 16.52 8.03
N SER B 131 4.84 17.19 7.05
CA SER B 131 5.90 18.20 7.30
C SER B 131 5.39 19.34 8.19
N LEU B 132 4.09 19.56 8.32
CA LEU B 132 3.50 20.71 9.02
C LEU B 132 2.87 20.21 10.32
N MET B 133 3.00 18.90 10.60
CA MET B 133 2.31 18.22 11.72
C MET B 133 3.29 17.75 12.80
N ASN B 134 2.79 17.76 14.03
CA ASN B 134 3.34 16.95 15.15
C ASN B 134 2.13 16.35 15.88
N LYS B 135 2.42 15.57 16.92
CA LYS B 135 1.39 14.79 17.66
C LYS B 135 0.33 15.76 18.13
N ASP B 136 0.65 17.07 18.19
CA ASP B 136 -0.14 18.10 18.91
C ASP B 136 -0.96 19.03 18.04
N GLY B 137 -0.64 19.12 16.72
CA GLY B 137 -1.38 19.99 15.80
C GLY B 137 -0.67 20.19 14.45
N VAL B 138 -1.17 21.15 13.68
CA VAL B 138 -0.77 21.32 12.24
C VAL B 138 -0.61 22.80 11.94
N LEU B 139 0.44 23.17 11.21
CA LEU B 139 0.65 24.57 10.78
C LEU B 139 -0.39 24.93 9.74
N ILE B 140 -1.08 26.06 9.89
CA ILE B 140 -2.04 26.57 8.87
C ILE B 140 -1.57 27.94 8.37
N SER B 141 -2.07 28.32 7.18
CA SER B 141 -1.95 29.66 6.55
C SER B 141 -0.47 30.03 6.47
N GLU B 142 0.28 29.17 5.81
CA GLU B 142 1.74 29.35 5.64
C GLU B 142 2.33 29.59 7.04
N GLY B 143 1.99 28.70 7.97
CA GLY B 143 2.68 28.62 9.25
C GLY B 143 2.44 29.84 10.13
N GLN B 144 1.43 30.65 9.81
CA GLN B 144 1.00 31.80 10.64
C GLN B 144 0.14 31.31 11.81
N GLY B 145 -0.44 30.11 11.67
CA GLY B 145 -1.33 29.49 12.66
C GLY B 145 -0.86 28.11 13.07
N PHE B 146 -1.31 27.66 14.23
CA PHE B 146 -1.20 26.26 14.67
C PHE B 146 -2.57 25.84 15.18
N MET B 147 -3.21 24.89 14.50
CA MET B 147 -4.51 24.39 14.98
C MET B 147 -4.21 23.13 15.78
N THR B 148 -4.67 23.07 17.02
CA THR B 148 -4.38 21.93 17.94
C THR B 148 -5.19 20.72 17.49
N ARG B 149 -4.53 19.53 17.57
CA ARG B 149 -5.16 18.25 17.15
C ARG B 149 -6.42 18.07 17.96
N GLU B 150 -6.42 18.61 19.18
CA GLU B 150 -7.47 18.33 20.17
C GLU B 150 -8.74 19.15 19.86
N PHE B 151 -8.56 20.35 19.32
CA PHE B 151 -9.72 21.14 18.83
C PHE B 151 -10.24 20.55 17.48
N LEU B 152 -9.38 20.00 16.60
CA LEU B 152 -9.84 19.29 15.36
C LEU B 152 -10.64 18.05 15.75
N LYS B 153 -10.08 17.25 16.66
CA LYS B 153 -10.68 15.99 17.14
C LYS B 153 -12.08 16.28 17.69
N SER B 154 -12.31 17.46 18.25
CA SER B 154 -13.49 17.80 19.08
C SER B 154 -14.66 18.31 18.24
N LEU B 155 -14.53 18.43 16.91
CA LEU B 155 -15.62 18.88 16.01
C LEU B 155 -16.76 17.85 15.94
N ARG B 156 -18.00 18.32 15.69
CA ARG B 156 -19.22 17.52 15.36
C ARG B 156 -18.85 16.33 14.47
N LYS B 157 -19.51 15.18 14.69
CA LYS B 157 -19.57 14.07 13.71
C LYS B 157 -20.19 14.65 12.45
N PRO B 158 -19.71 14.25 11.24
CA PRO B 158 -18.55 13.36 11.11
C PRO B 158 -17.19 14.04 10.86
N PHE B 159 -17.07 15.35 11.13
CA PHE B 159 -15.84 16.14 10.86
C PHE B 159 -14.79 15.85 11.95
N GLY B 160 -15.25 15.34 13.10
CA GLY B 160 -14.45 15.17 14.34
C GLY B 160 -13.09 14.55 14.10
N ASP B 161 -13.03 13.49 13.29
CA ASP B 161 -11.80 12.69 13.02
C ASP B 161 -11.58 12.68 11.50
N PHE B 162 -11.71 13.85 10.90
CA PHE B 162 -11.29 14.10 9.51
C PHE B 162 -9.77 13.98 9.48
N MET B 163 -9.10 14.71 10.38
CA MET B 163 -7.63 14.92 10.43
C MET B 163 -6.95 13.84 11.25
N GLU B 164 -7.67 13.15 12.14
CA GLU B 164 -7.05 12.15 13.03
C GLU B 164 -6.24 11.12 12.24
N PRO B 165 -6.78 10.52 11.16
CA PRO B 165 -5.97 9.65 10.31
C PRO B 165 -4.66 10.27 9.85
N LYS B 166 -4.70 11.53 9.38
CA LYS B 166 -3.53 12.26 8.82
C LYS B 166 -2.49 12.50 9.95
N PHE B 167 -2.95 12.72 11.18
CA PHE B 167 -2.06 12.91 12.35
C PHE B 167 -1.31 11.59 12.63
N GLU B 168 -2.04 10.49 12.77
CA GLU B 168 -1.45 9.14 13.02
C GLU B 168 -0.46 8.85 11.89
N PHE B 169 -0.84 9.10 10.64
CA PHE B 169 0.08 8.86 9.51
C PHE B 169 1.32 9.81 9.59
N ALA B 170 1.10 11.10 9.87
CA ALA B 170 2.20 12.10 10.07
C ALA B 170 3.15 11.67 11.21
N VAL B 171 2.61 11.26 12.36
CA VAL B 171 3.49 10.91 13.52
C VAL B 171 4.41 9.77 13.08
N LYS B 172 3.88 8.76 12.37
CA LYS B 172 4.66 7.57 11.99
C LYS B 172 5.58 7.94 10.84
N PHE B 173 5.12 8.75 9.88
CA PHE B 173 6.02 9.21 8.79
C PHE B 173 7.25 9.98 9.42
N ASN B 174 6.90 10.99 10.22
CA ASN B 174 7.87 11.94 10.84
C ASN B 174 8.97 11.20 11.71
N ALA B 175 8.67 9.97 12.19
CA ALA B 175 9.71 9.07 12.81
C ALA B 175 10.89 8.75 11.87
N LEU B 176 10.70 8.69 10.56
CA LEU B 176 11.79 8.45 9.59
C LEU B 176 12.75 9.65 9.49
N GLU B 177 12.36 10.85 9.97
CA GLU B 177 13.22 12.07 9.92
C GLU B 177 13.71 12.36 8.49
N LEU B 178 12.85 12.23 7.50
CA LEU B 178 13.21 12.67 6.13
C LEU B 178 13.40 14.18 6.17
N ASP B 179 14.33 14.72 5.38
CA ASP B 179 14.42 16.19 5.16
C ASP B 179 13.99 16.52 3.73
N ASP B 180 13.86 17.82 3.45
CA ASP B 180 13.28 18.36 2.21
C ASP B 180 13.93 17.72 0.97
N SER B 181 15.26 17.56 0.96
CA SER B 181 16.01 16.99 -0.18
C SER B 181 15.63 15.51 -0.37
N ASP B 182 15.15 14.79 0.66
CA ASP B 182 14.68 13.39 0.51
C ASP B 182 13.28 13.43 -0.07
N LEU B 183 12.44 14.33 0.46
CA LEU B 183 11.00 14.38 0.14
C LEU B 183 10.85 14.82 -1.34
N ALA B 184 11.71 15.73 -1.81
CA ALA B 184 11.72 16.18 -3.21
C ALA B 184 11.65 14.94 -4.11
N ILE B 185 12.57 14.01 -3.91
CA ILE B 185 12.66 12.78 -4.77
C ILE B 185 11.47 11.85 -4.50
N PHE B 186 11.07 11.61 -3.25
CA PHE B 186 9.95 10.69 -2.94
C PHE B 186 8.65 11.18 -3.61
N ILE B 187 8.41 12.50 -3.54
CA ILE B 187 7.22 13.15 -4.18
C ILE B 187 7.24 12.88 -5.67
N ALA B 188 8.40 13.00 -6.33
CA ALA B 188 8.61 12.68 -7.77
C ALA B 188 8.24 11.22 -8.04
N VAL B 189 8.69 10.31 -7.18
CA VAL B 189 8.39 8.84 -7.33
C VAL B 189 6.88 8.65 -7.27
N ILE B 190 6.20 9.23 -6.29
CA ILE B 190 4.72 9.13 -6.16
C ILE B 190 4.04 9.58 -7.48
N ILE B 191 4.43 10.70 -8.11
CA ILE B 191 3.72 11.22 -9.32
C ILE B 191 3.83 10.23 -10.49
N LEU B 192 5.02 9.68 -10.70
CA LEU B 192 5.34 8.76 -11.82
C LEU B 192 4.96 7.32 -11.51
N SER B 193 3.75 7.03 -11.01
CA SER B 193 3.35 5.62 -10.73
C SER B 193 2.70 5.11 -12.00
N GLY B 194 3.16 3.98 -12.47
CA GLY B 194 2.63 3.33 -13.68
C GLY B 194 1.34 2.58 -13.43
N ASP B 195 0.89 2.43 -12.17
CA ASP B 195 -0.30 1.60 -11.85
C ASP B 195 -1.57 2.46 -11.78
N ARG B 196 -1.56 3.73 -12.23
CA ARG B 196 -2.75 4.61 -12.18
C ARG B 196 -3.68 4.22 -13.32
N PRO B 197 -4.99 4.24 -13.08
CA PRO B 197 -5.94 3.82 -14.09
C PRO B 197 -5.99 4.83 -15.25
N GLY B 198 -6.20 4.29 -16.44
CA GLY B 198 -6.37 5.05 -17.68
C GLY B 198 -5.05 5.49 -18.31
N LEU B 199 -3.91 4.96 -17.86
CA LEU B 199 -2.62 5.35 -18.48
C LEU B 199 -2.50 4.71 -19.89
N LEU B 200 -2.14 5.51 -20.89
CA LEU B 200 -2.02 5.08 -22.30
C LEU B 200 -0.64 4.51 -22.64
N ASN B 201 0.42 5.03 -22.03
CA ASN B 201 1.80 4.60 -22.33
C ASN B 201 2.62 4.53 -21.04
N VAL B 202 2.57 3.38 -20.38
CA VAL B 202 3.16 3.12 -19.04
C VAL B 202 4.68 3.10 -19.14
N LYS B 203 5.25 2.66 -20.27
CA LYS B 203 6.70 2.32 -20.29
C LYS B 203 7.49 3.54 -19.85
N PRO B 204 7.37 4.72 -20.51
CA PRO B 204 8.24 5.86 -20.22
C PRO B 204 8.04 6.38 -18.80
N ILE B 205 6.83 6.23 -18.26
CA ILE B 205 6.47 6.57 -16.87
C ILE B 205 7.33 5.71 -15.94
N GLU B 206 7.35 4.41 -16.17
CA GLU B 206 8.17 3.51 -15.31
C GLU B 206 9.65 3.79 -15.52
N ASP B 207 10.07 4.22 -16.71
CA ASP B 207 11.50 4.43 -17.03
C ASP B 207 11.99 5.59 -16.18
N ILE B 208 11.15 6.62 -16.06
CA ILE B 208 11.42 7.85 -15.26
C ILE B 208 11.30 7.48 -13.76
N GLN B 209 10.30 6.69 -13.40
CA GLN B 209 10.21 6.28 -11.97
C GLN B 209 11.43 5.42 -11.59
N ASP B 210 11.90 4.55 -12.48
CA ASP B 210 13.10 3.71 -12.17
C ASP B 210 14.26 4.65 -11.87
N ASN B 211 14.42 5.73 -12.62
CA ASN B 211 15.55 6.68 -12.42
C ASN B 211 15.32 7.47 -11.12
N LEU B 212 14.09 7.89 -10.85
CA LEU B 212 13.74 8.56 -9.59
C LEU B 212 14.05 7.64 -8.39
N LEU B 213 13.74 6.34 -8.44
CA LEU B 213 14.02 5.40 -7.34
C LEU B 213 15.53 5.24 -7.17
N GLN B 214 16.30 5.17 -8.27
CA GLN B 214 17.77 5.05 -8.20
C GLN B 214 18.28 6.27 -7.46
N ALA B 215 17.83 7.47 -7.84
CA ALA B 215 18.25 8.69 -7.13
C ALA B 215 17.77 8.66 -5.67
N LEU B 216 16.54 8.25 -5.43
CA LEU B 216 16.02 8.27 -4.04
C LEU B 216 16.87 7.36 -3.15
N GLU B 217 17.31 6.23 -3.70
CA GLU B 217 18.16 5.20 -3.02
C GLU B 217 19.53 5.81 -2.68
N LEU B 218 20.15 6.50 -3.65
CA LEU B 218 21.51 7.06 -3.49
C LEU B 218 21.44 8.21 -2.46
N GLN B 219 20.41 9.05 -2.54
CA GLN B 219 20.11 10.13 -1.57
C GLN B 219 19.94 9.60 -0.13
N LEU B 220 19.09 8.61 0.11
CA LEU B 220 18.94 8.00 1.46
C LEU B 220 20.25 7.38 1.95
N LYS B 221 21.04 6.76 1.08
CA LYS B 221 22.24 6.04 1.55
C LYS B 221 23.24 7.09 2.03
N LEU B 222 23.45 8.20 1.30
CA LEU B 222 24.43 9.27 1.66
C LEU B 222 23.89 10.17 2.76
N ASN B 223 22.60 10.51 2.72
CA ASN B 223 22.05 11.53 3.65
C ASN B 223 21.73 10.86 4.99
N HIS B 224 21.61 9.53 5.01
CA HIS B 224 21.14 8.78 6.21
C HIS B 224 21.91 7.47 6.30
N PRO B 225 23.25 7.54 6.40
CA PRO B 225 24.07 6.35 6.19
C PRO B 225 23.88 5.29 7.29
N GLU B 226 23.29 5.65 8.44
CA GLU B 226 23.12 4.70 9.56
C GLU B 226 21.64 4.30 9.73
N SER B 227 20.73 4.85 8.95
CA SER B 227 19.29 4.45 8.96
C SER B 227 19.11 3.27 8.01
N SER B 228 19.18 2.06 8.55
CA SER B 228 19.16 0.80 7.78
C SER B 228 17.85 0.75 6.97
N GLN B 229 17.92 0.39 5.70
CA GLN B 229 16.77 -0.02 4.84
C GLN B 229 15.72 1.12 4.73
N LEU B 230 16.12 2.38 5.02
CA LEU B 230 15.19 3.54 5.02
C LEU B 230 14.45 3.60 3.66
N PHE B 231 15.16 3.31 2.61
CA PHE B 231 14.57 3.21 1.25
C PHE B 231 13.31 2.32 1.28
N ALA B 232 13.46 1.10 1.78
CA ALA B 232 12.40 0.08 1.92
C ALA B 232 11.27 0.60 2.83
N LYS B 233 11.61 1.16 3.99
CA LYS B 233 10.63 1.70 4.98
C LYS B 233 9.84 2.82 4.30
N LEU B 234 10.52 3.68 3.54
CA LEU B 234 9.85 4.79 2.84
C LEU B 234 8.85 4.20 1.83
N LEU B 235 9.27 3.22 0.99
CA LEU B 235 8.37 2.62 -0.04
C LEU B 235 7.22 1.94 0.68
N GLN B 236 7.48 1.33 1.83
CA GLN B 236 6.39 0.69 2.61
C GLN B 236 5.34 1.77 2.92
N LYS B 237 5.73 3.02 3.18
CA LYS B 237 4.79 4.10 3.56
C LYS B 237 3.86 4.47 2.39
N MET B 238 4.19 4.19 1.12
CA MET B 238 3.19 4.33 0.03
C MET B 238 1.90 3.61 0.35
N THR B 239 1.97 2.50 1.09
CA THR B 239 0.81 1.69 1.51
C THR B 239 -0.08 2.52 2.43
N ASP B 240 0.52 3.12 3.46
CA ASP B 240 -0.22 3.96 4.45
C ASP B 240 -0.77 5.21 3.72
N LEU B 241 -0.04 5.75 2.74
CA LEU B 241 -0.55 6.85 1.88
C LEU B 241 -1.82 6.41 1.16
N ARG B 242 -1.81 5.33 0.37
CA ARG B 242 -3.00 4.96 -0.43
C ARG B 242 -4.15 4.59 0.50
N GLN B 243 -3.91 4.25 1.75
CA GLN B 243 -4.99 3.81 2.66
C GLN B 243 -5.62 5.10 3.21
N ILE B 244 -4.82 6.04 3.71
CA ILE B 244 -5.29 7.39 4.11
C ILE B 244 -6.20 7.92 2.98
N VAL B 245 -5.74 7.88 1.72
CA VAL B 245 -6.45 8.49 0.56
C VAL B 245 -7.80 7.80 0.39
N THR B 246 -7.79 6.48 0.29
CA THR B 246 -9.00 5.64 0.16
C THR B 246 -10.06 6.11 1.13
N GLU B 247 -9.71 6.17 2.42
CA GLU B 247 -10.70 6.37 3.53
C GLU B 247 -10.99 7.87 3.64
N HIS B 248 -10.20 8.72 3.00
CA HIS B 248 -10.54 10.17 2.82
C HIS B 248 -11.72 10.29 1.84
N VAL B 249 -11.63 9.68 0.65
CA VAL B 249 -12.79 9.72 -0.29
C VAL B 249 -14.00 9.12 0.43
N GLN B 250 -13.83 8.05 1.19
CA GLN B 250 -14.98 7.45 1.95
C GLN B 250 -15.56 8.44 2.98
N LEU B 251 -14.80 9.41 3.49
CA LEU B 251 -15.35 10.44 4.41
C LEU B 251 -16.03 11.55 3.59
N LEU B 252 -15.47 11.90 2.41
CA LEU B 252 -16.16 12.76 1.40
C LEU B 252 -17.52 12.17 1.07
N GLN B 253 -17.59 11.04 0.37
CA GLN B 253 -18.88 10.43 -0.09
C GLN B 253 -19.93 10.43 1.05
N VAL B 254 -19.52 10.54 2.33
CA VAL B 254 -20.42 10.58 3.54
C VAL B 254 -20.89 12.02 3.84
N ILE B 255 -20.00 13.01 3.67
CA ILE B 255 -20.30 14.48 3.59
C ILE B 255 -21.52 14.71 2.67
N LYS B 256 -21.53 14.15 1.44
CA LYS B 256 -22.65 14.27 0.47
C LYS B 256 -23.96 13.70 1.06
N LYS B 257 -23.94 13.24 2.33
CA LYS B 257 -25.14 12.78 3.10
C LYS B 257 -25.29 13.56 4.45
N THR B 258 -24.49 14.63 4.65
CA THR B 258 -24.67 15.68 5.71
C THR B 258 -24.83 17.07 5.06
N GLU B 259 -24.00 17.42 4.05
CA GLU B 259 -23.85 18.78 3.44
C GLU B 259 -25.15 19.15 2.72
N THR B 260 -26.18 19.48 3.53
CA THR B 260 -27.58 19.81 3.15
C THR B 260 -27.67 21.32 2.84
N PRO B 266 -22.67 28.01 -6.40
CA PRO B 266 -22.39 26.83 -7.24
C PRO B 266 -21.08 26.93 -8.01
N LEU B 267 -20.55 28.16 -8.17
CA LEU B 267 -19.21 28.42 -8.81
C LEU B 267 -18.11 27.92 -7.88
N LEU B 268 -18.35 27.94 -6.56
CA LEU B 268 -17.47 27.35 -5.51
C LEU B 268 -17.39 25.84 -5.72
N GLN B 269 -18.55 25.20 -5.68
CA GLN B 269 -18.71 23.73 -5.82
C GLN B 269 -17.81 23.28 -6.99
N GLU B 270 -17.78 24.09 -8.05
CA GLU B 270 -17.07 23.80 -9.33
C GLU B 270 -15.56 23.92 -9.14
N ILE B 271 -15.11 24.98 -8.47
CA ILE B 271 -13.66 25.22 -8.28
C ILE B 271 -13.08 23.98 -7.59
N TYR B 272 -13.83 23.34 -6.68
CA TYR B 272 -13.36 22.17 -5.86
C TYR B 272 -13.77 20.81 -6.46
N LYS B 273 -15.00 20.73 -7.01
CA LYS B 273 -15.62 19.50 -7.55
C LYS B 273 -16.18 18.67 -6.39
N1 J3F C . -11.64 -16.95 2.94
N3 J3F C . -14.04 -27.71 -5.29
C4 J3F C . -9.40 -17.32 0.33
C5 J3F C . -9.15 -18.03 -0.95
C6 J3F C . -9.91 -17.73 -2.07
C7 J3F C . -9.76 -18.45 -3.24
C8 J3F C . -8.82 -19.46 -3.27
C10 J3F C . -8.22 -19.04 -1.02
C13 J3F C . -10.90 -22.44 -6.70
C15 J3F C . -8.46 -24.71 -4.78
C17 J3F C . -10.69 -26.36 -4.74
C20 J3F C . -12.97 -26.87 -5.28
C21 J3F C . -13.09 -25.59 -5.85
C22 J3F C . -12.05 -24.73 -5.85
C24 J3F C . -15.91 -27.30 -6.83
C26 J3F C . -15.58 -29.37 -4.16
C1 J3F C . -12.65 -17.15 2.05
C2 J3F C . -10.39 -17.36 2.54
C3 J3F C . -10.39 -18.01 1.19
S1 J3F C . -12.08 -17.87 0.55
O1 J3F C . -13.81 -16.87 2.25
O2 J3F C . -9.38 -17.19 3.16
C9 J3F C . -8.04 -19.76 -2.18
O3 J3F C . -8.44 -20.16 -4.36
C11 J3F C . -9.38 -20.68 -5.26
C12 J3F C . -8.71 -21.94 -5.74
N2 J3F C . -9.77 -22.91 -5.90
C14 J3F C . -9.67 -24.24 -5.31
C16 J3F C . -8.35 -26.03 -4.21
O4 J3F C . -9.50 -26.82 -4.22
C18 J3F C . -10.82 -25.08 -5.29
O5 J3F C . -7.34 -26.55 -3.77
C19 J3F C . -11.75 -27.25 -4.74
C23 J3F C . -14.67 -28.08 -6.55
C25 J3F C . -14.59 -28.24 -4.03
H1 J3F C . -11.78 -16.59 3.72
H4 J3F C . -9.73 -16.42 0.14
H3 J3F C . -8.56 -17.25 0.83
H5 J3F C . -10.58 -17.07 -2.02
H6 J3F C . -10.25 -18.23 -4.01
H8 J3F C . -7.71 -19.26 -0.26
H13 J3F C . -11.30 -23.19 -7.17
H14 J3F C . -10.58 -21.79 -7.35
H15 J3F C . -11.57 -22.02 -6.11
H16 J3F C . -7.71 -24.15 -4.77
H18 J3F C . -13.92 -25.31 -6.17
H19 J3F C . -12.17 -23.87 -6.21
H22 J3F C . -16.30 -27.60 -7.67
H23 J3F C . -15.68 -26.36 -6.92
H24 J3F C . -16.55 -27.42 -6.11
H27 J3F C . -15.87 -29.66 -3.29
H28 J3F C . -15.16 -30.11 -4.64
H29 J3F C . -16.36 -29.07 -4.67
H2 J3F C . -10.15 -18.97 1.25
H7 J3F C . -7.37 -20.43 -2.23
H10 J3F C . -10.22 -20.89 -4.79
H9 J3F C . -9.55 -20.07 -5.99
H12 J3F C . -8.26 -21.79 -6.60
H11 J3F C . -8.05 -22.25 -5.08
H17 J3F C . -11.63 -28.12 -4.37
H21 J3F C . -14.03 -27.93 -7.28
H20 J3F C . -14.89 -29.03 -6.54
H25 J3F C . -15.03 -27.51 -3.55
H26 J3F C . -13.86 -28.55 -3.46
#